data_4F11
#
_entry.id   4F11
#
_cell.length_a   153.212
_cell.length_b   92.716
_cell.length_c   48.558
_cell.angle_alpha   90.00
_cell.angle_beta   102.75
_cell.angle_gamma   90.00
#
_symmetry.space_group_name_H-M   'C 1 2 1'
#
loop_
_entity.id
_entity.type
_entity.pdbx_description
1 polymer 'Gamma-aminobutyric acid type B receptor subunit 2'
2 water water
#
_entity_poly.entity_id   1
_entity_poly.type   'polypeptide(L)'
_entity_poly.pdbx_seq_one_letter_code
;WARGAPRPPPSSPPLSIMGLMPLTKEVAKGSIGRGVLPAVELAIEQIRNESLLRPYFLDLRLYDTECDNAKGLKAFYDAI
KYGPNHLMVFGGVCPSVTSIIAESLQGWNLVQLSFAATTPVLADKKKYPYFFRTVPSDNAVNPAILKLLKHYQWKRVGTL
TQDVQRFSEVRNDLTGVLYGEDIEISDTESFSNDPCTSVKKLKGNDVRIILGQFDQNMAAKVFCCAYEENMYGSKYQWII
PGWYEPSWWEQVHTEANSSRCLRKNLLAAMEGYIGVDFEPLSSKQIKTISGKTPQQYEREYNNKRSGVGPSKFHGYAYDG
IWVIAKTLQRAMETLHASSRHQRIQDFNYTDHTLGRIILNAMNETNFFGVTGQVVFRNGERMGTIKFTQFQDSREVKVGE
YNAVADTLEIINDTIRFQGSEPPKDDYKDDDDK
;
_entity_poly.pdbx_strand_id   A
#
# COMPACT_ATOMS: atom_id res chain seq x y z
N SER A 11 5.61 27.14 27.91
CA SER A 11 6.70 26.16 28.22
C SER A 11 6.17 24.72 28.23
N SER A 12 5.33 24.39 27.25
CA SER A 12 4.72 23.07 27.12
C SER A 12 5.66 22.08 26.43
N PRO A 13 5.96 20.94 27.10
CA PRO A 13 7.00 20.00 26.66
C PRO A 13 6.66 19.35 25.31
N PRO A 14 7.68 19.18 24.45
CA PRO A 14 7.44 18.66 23.10
C PRO A 14 7.43 17.13 23.04
N LEU A 15 6.61 16.57 22.15
CA LEU A 15 6.65 15.15 21.83
C LEU A 15 7.26 15.00 20.44
N SER A 16 8.58 14.86 20.41
CA SER A 16 9.33 14.88 19.16
C SER A 16 9.24 13.57 18.38
N ILE A 17 9.00 13.70 17.08
CA ILE A 17 8.89 12.56 16.19
C ILE A 17 9.84 12.72 15.01
N MET A 18 10.52 11.63 14.65
CA MET A 18 11.53 11.61 13.60
C MET A 18 10.92 11.35 12.21
N GLY A 19 10.70 12.43 11.46
CA GLY A 19 10.22 12.33 10.08
C GLY A 19 11.35 11.94 9.15
N LEU A 20 11.18 10.83 8.44
CA LEU A 20 12.16 10.32 7.48
C LEU A 20 11.51 10.12 6.12
N MET A 21 12.07 10.77 5.10
CA MET A 21 11.56 10.70 3.74
C MET A 21 12.46 11.46 2.78
N PRO A 22 12.36 11.17 1.46
CA PRO A 22 13.08 11.99 0.48
C PRO A 22 12.38 13.32 0.28
N LEU A 23 13.12 14.43 0.39
CA LEU A 23 12.53 15.77 0.31
C LEU A 23 13.24 16.66 -0.71
N THR A 24 14.45 16.27 -1.09
CA THR A 24 15.25 17.02 -2.04
C THR A 24 14.74 16.88 -3.48
N LYS A 25 14.81 17.98 -4.22
CA LYS A 25 14.40 17.99 -5.64
C LYS A 25 15.41 17.24 -6.51
N GLU A 26 16.59 16.99 -5.94
CA GLU A 26 17.67 16.26 -6.62
C GLU A 26 17.39 14.76 -6.76
N VAL A 27 16.29 14.31 -6.14
CA VAL A 27 15.87 12.90 -6.21
C VAL A 27 14.43 12.80 -6.72
N ALA A 28 14.18 11.79 -7.55
CA ALA A 28 12.89 11.59 -8.21
C ALA A 28 11.74 11.45 -7.22
N LYS A 29 11.82 10.43 -6.35
CA LYS A 29 10.77 10.16 -5.35
C LYS A 29 10.57 11.27 -4.30
N GLY A 30 11.45 12.28 -4.32
CA GLY A 30 11.34 13.44 -3.44
C GLY A 30 10.06 14.25 -3.59
N SER A 31 9.30 13.97 -4.65
CA SER A 31 8.00 14.59 -4.86
C SER A 31 6.92 13.98 -3.96
N ILE A 32 7.16 12.75 -3.49
CA ILE A 32 6.27 12.11 -2.52
C ILE A 32 6.36 12.81 -1.17
N GLY A 33 7.59 13.06 -0.72
CA GLY A 33 7.83 13.78 0.52
C GLY A 33 7.18 15.15 0.50
N ARG A 34 7.45 15.92 -0.55
CA ARG A 34 6.87 17.26 -0.70
C ARG A 34 5.37 17.21 -0.96
N GLY A 35 4.92 16.16 -1.64
CA GLY A 35 3.49 15.96 -1.92
C GLY A 35 2.62 15.69 -0.70
N VAL A 36 3.18 15.01 0.30
CA VAL A 36 2.42 14.66 1.51
C VAL A 36 2.54 15.69 2.63
N LEU A 37 3.53 16.56 2.55
CA LEU A 37 3.75 17.58 3.59
C LEU A 37 2.56 18.53 3.83
N PRO A 38 1.82 18.91 2.76
CA PRO A 38 0.61 19.70 3.02
C PRO A 38 -0.45 18.92 3.81
N ALA A 39 -0.61 17.64 3.48
CA ALA A 39 -1.54 16.76 4.20
C ALA A 39 -1.12 16.62 5.66
N VAL A 40 0.20 16.49 5.87
CA VAL A 40 0.80 16.39 7.19
C VAL A 40 0.49 17.63 8.04
N GLU A 41 0.73 18.80 7.46
CA GLU A 41 0.56 20.07 8.17
C GLU A 41 -0.89 20.35 8.53
N LEU A 42 -1.81 19.98 7.63
CA LEU A 42 -3.25 20.04 7.92
C LEU A 42 -3.61 19.26 9.18
N ALA A 43 -3.09 18.04 9.27
CA ALA A 43 -3.30 17.18 10.43
C ALA A 43 -2.67 17.80 11.68
N ILE A 44 -1.43 18.25 11.56
CA ILE A 44 -0.72 18.86 12.67
C ILE A 44 -1.40 20.14 13.17
N GLU A 45 -1.85 20.97 12.23
CA GLU A 45 -2.56 22.22 12.56
C GLU A 45 -3.79 21.96 13.43
N GLN A 46 -4.62 21.02 13.00
CA GLN A 46 -5.85 20.69 13.73
C GLN A 46 -5.55 20.15 15.14
N ILE A 47 -4.57 19.27 15.23
CA ILE A 47 -4.17 18.67 16.51
C ILE A 47 -3.68 19.73 17.51
N ARG A 48 -3.05 20.79 17.02
CA ARG A 48 -2.65 21.91 17.88
C ARG A 48 -3.81 22.83 18.28
N ASN A 49 -4.68 23.13 17.31
CA ASN A 49 -5.88 23.95 17.56
C ASN A 49 -6.76 23.40 18.67
N GLU A 50 -7.03 22.10 18.59
CA GLU A 50 -7.85 21.40 19.59
C GLU A 50 -7.04 21.00 20.83
N SER A 51 -5.72 21.20 20.77
CA SER A 51 -4.79 20.85 21.86
C SER A 51 -5.02 19.43 22.40
N LEU A 52 -5.10 18.46 21.50
CA LEU A 52 -5.42 17.08 21.85
C LEU A 52 -4.35 16.41 22.71
N LEU A 53 -3.13 16.93 22.65
CA LEU A 53 -2.01 16.34 23.39
C LEU A 53 -1.62 17.09 24.67
N ARG A 54 -2.50 17.98 25.13
CA ARG A 54 -2.34 18.70 26.40
C ARG A 54 -1.82 17.79 27.51
N PRO A 55 -0.84 18.28 28.30
CA PRO A 55 -0.21 19.59 28.21
C PRO A 55 1.00 19.65 27.25
N TYR A 56 1.20 18.59 26.47
CA TYR A 56 2.31 18.52 25.52
C TYR A 56 1.88 19.04 24.15
N PHE A 57 2.80 19.06 23.20
CA PHE A 57 2.49 19.36 21.80
C PHE A 57 3.32 18.48 20.86
N LEU A 58 2.78 18.20 19.68
CA LEU A 58 3.45 17.37 18.69
C LEU A 58 4.60 18.14 18.04
N ASP A 59 5.81 17.57 18.12
CA ASP A 59 7.01 18.20 17.58
C ASP A 59 7.64 17.34 16.47
N LEU A 60 7.06 17.40 15.27
CA LEU A 60 7.61 16.68 14.13
C LEU A 60 8.87 17.34 13.57
N ARG A 61 9.97 16.60 13.54
CA ARG A 61 11.21 17.05 12.90
C ARG A 61 11.38 16.28 11.61
N LEU A 62 11.90 16.95 10.58
CA LEU A 62 12.07 16.30 9.27
C LEU A 62 13.53 16.12 8.91
N TYR A 63 13.86 14.93 8.41
CA TYR A 63 15.20 14.60 7.93
C TYR A 63 15.09 13.94 6.57
N ASP A 64 15.98 14.33 5.66
CA ASP A 64 15.94 13.89 4.29
C ASP A 64 16.76 12.62 4.11
N THR A 65 16.13 11.58 3.60
CA THR A 65 16.81 10.31 3.35
C THR A 65 17.46 10.32 1.96
N GLU A 66 17.09 11.33 1.17
CA GLU A 66 17.54 11.47 -0.22
C GLU A 66 17.34 10.18 -0.99
N CYS A 67 16.36 9.39 -0.57
CA CYS A 67 16.06 8.08 -1.15
C CYS A 67 17.33 7.25 -1.37
N ASP A 68 18.22 7.25 -0.38
CA ASP A 68 19.52 6.59 -0.50
C ASP A 68 19.92 5.89 0.79
N ASN A 69 20.38 4.64 0.68
CA ASN A 69 20.76 3.81 1.83
C ASN A 69 21.76 4.46 2.78
N ALA A 70 22.87 4.94 2.23
CA ALA A 70 23.92 5.56 3.02
C ALA A 70 23.42 6.83 3.71
N LYS A 71 22.79 7.72 2.93
CA LYS A 71 22.30 9.00 3.42
C LYS A 71 21.11 8.82 4.35
N GLY A 72 20.28 7.83 4.05
CA GLY A 72 19.12 7.52 4.88
C GLY A 72 19.53 7.08 6.27
N LEU A 73 20.53 6.21 6.34
CA LEU A 73 21.04 5.74 7.62
C LEU A 73 21.76 6.87 8.36
N LYS A 74 22.56 7.65 7.63
CA LYS A 74 23.22 8.80 8.23
C LYS A 74 22.19 9.81 8.76
N ALA A 75 21.11 10.00 8.00
CA ALA A 75 20.01 10.86 8.46
C ALA A 75 19.42 10.34 9.77
N PHE A 76 19.18 9.02 9.82
CA PHE A 76 18.66 8.36 11.01
C PHE A 76 19.62 8.53 12.20
N TYR A 77 20.90 8.24 11.98
CA TYR A 77 21.90 8.31 13.06
C TYR A 77 22.21 9.71 13.52
N ASP A 78 22.19 10.67 12.59
CA ASP A 78 22.37 12.08 12.93
C ASP A 78 21.19 12.59 13.75
N ALA A 79 19.98 12.18 13.39
CA ALA A 79 18.79 12.53 14.15
C ALA A 79 18.91 12.06 15.59
N ILE A 80 19.43 10.86 15.77
CA ILE A 80 19.59 10.28 17.11
C ILE A 80 20.72 10.94 17.88
N LYS A 81 21.88 11.04 17.24
CA LYS A 81 23.07 11.63 17.87
C LYS A 81 22.88 13.08 18.28
N TYR A 82 22.34 13.90 17.37
CA TYR A 82 22.34 15.36 17.55
C TYR A 82 20.96 16.02 17.60
N GLY A 83 19.90 15.25 17.41
CA GLY A 83 18.54 15.79 17.50
C GLY A 83 17.98 15.70 18.91
N PRO A 84 16.73 16.17 19.10
CA PRO A 84 16.08 15.93 20.40
C PRO A 84 15.72 14.45 20.54
N ASN A 85 15.20 14.04 21.68
CA ASN A 85 14.80 12.66 21.89
C ASN A 85 13.51 12.35 21.13
N HIS A 86 13.63 11.53 20.09
CA HIS A 86 12.47 11.18 19.27
C HIS A 86 11.77 9.99 19.89
N LEU A 87 10.44 10.06 19.93
CA LEU A 87 9.62 9.02 20.55
C LEU A 87 9.27 7.92 19.57
N MET A 88 9.23 8.29 18.29
CA MET A 88 8.97 7.33 17.22
C MET A 88 9.38 7.88 15.84
N VAL A 89 9.33 7.02 14.84
CA VAL A 89 9.74 7.38 13.49
C VAL A 89 8.51 7.47 12.58
N PHE A 90 8.46 8.54 11.79
CA PHE A 90 7.38 8.73 10.86
C PHE A 90 7.97 8.86 9.46
N GLY A 91 7.59 7.96 8.57
CA GLY A 91 8.07 8.00 7.20
C GLY A 91 8.74 6.71 6.78
N GLY A 92 9.68 6.82 5.85
CA GLY A 92 10.24 5.64 5.19
C GLY A 92 9.46 5.42 3.91
N VAL A 93 10.07 5.78 2.78
CA VAL A 93 9.39 5.74 1.49
C VAL A 93 10.04 4.72 0.55
N CYS A 94 11.34 4.87 0.31
CA CYS A 94 12.05 3.96 -0.58
C CYS A 94 12.26 2.60 0.11
N PRO A 95 11.88 1.50 -0.57
CA PRO A 95 11.88 0.13 -0.04
C PRO A 95 13.18 -0.32 0.63
N SER A 96 14.33 0.01 0.05
CA SER A 96 15.60 -0.45 0.61
C SER A 96 16.02 0.37 1.83
N VAL A 97 15.82 1.70 1.76
CA VAL A 97 16.14 2.59 2.87
C VAL A 97 15.27 2.26 4.09
N THR A 98 13.97 2.06 3.87
CA THR A 98 13.05 1.71 4.94
C THR A 98 13.44 0.39 5.62
N SER A 99 13.87 -0.59 4.82
CA SER A 99 14.28 -1.91 5.35
C SER A 99 15.48 -1.85 6.28
N ILE A 100 16.49 -1.08 5.89
CA ILE A 100 17.72 -0.91 6.68
C ILE A 100 17.43 -0.20 8.01
N ILE A 101 16.62 0.86 7.96
CA ILE A 101 16.23 1.58 9.17
C ILE A 101 15.33 0.71 10.06
N ALA A 102 14.27 0.15 9.49
CA ALA A 102 13.32 -0.69 10.22
C ALA A 102 13.98 -1.84 11.00
N GLU A 103 15.08 -2.34 10.46
CA GLU A 103 15.83 -3.43 11.06
C GLU A 103 16.43 -3.06 12.43
N SER A 104 16.84 -1.80 12.57
CA SER A 104 17.51 -1.35 13.78
C SER A 104 16.59 -0.62 14.76
N LEU A 105 15.27 -0.81 14.62
CA LEU A 105 14.31 -0.10 15.48
C LEU A 105 14.24 -0.63 16.90
N GLN A 106 14.20 -1.96 17.05
CA GLN A 106 14.04 -2.56 18.37
C GLN A 106 15.19 -2.18 19.31
N GLY A 107 16.41 -2.15 18.79
CA GLY A 107 17.58 -1.77 19.57
C GLY A 107 17.49 -0.34 20.06
N TRP A 108 16.71 0.47 19.35
CA TRP A 108 16.55 1.88 19.67
C TRP A 108 15.24 2.20 20.40
N ASN A 109 14.39 1.18 20.55
CA ASN A 109 13.05 1.30 21.15
C ASN A 109 12.12 2.23 20.37
N LEU A 110 12.34 2.33 19.07
CA LEU A 110 11.62 3.27 18.22
C LEU A 110 10.56 2.59 17.36
N VAL A 111 9.30 2.85 17.66
CA VAL A 111 8.21 2.38 16.82
C VAL A 111 8.23 3.23 15.56
N GLN A 112 8.03 2.60 14.42
CA GLN A 112 7.99 3.33 13.16
C GLN A 112 6.64 3.18 12.48
N LEU A 113 6.15 4.29 11.95
CA LEU A 113 4.94 4.31 11.15
C LEU A 113 5.23 4.90 9.77
N SER A 114 5.04 4.08 8.74
CA SER A 114 5.25 4.50 7.35
C SER A 114 3.92 4.74 6.64
N PHE A 115 3.90 5.68 5.72
CA PHE A 115 2.71 5.95 4.91
C PHE A 115 2.93 5.64 3.43
N ALA A 116 4.09 5.07 3.09
CA ALA A 116 4.47 4.92 1.68
C ALA A 116 5.19 3.63 1.29
N ALA A 117 5.92 3.02 2.23
CA ALA A 117 6.68 1.80 1.93
C ALA A 117 5.76 0.59 1.82
N THR A 118 5.52 0.14 0.58
CA THR A 118 4.58 -0.94 0.30
C THR A 118 5.21 -2.34 0.16
N THR A 119 6.54 -2.41 0.20
CA THR A 119 7.29 -3.66 0.09
C THR A 119 6.75 -4.76 1.01
N PRO A 120 6.57 -5.98 0.47
CA PRO A 120 6.09 -7.10 1.29
C PRO A 120 7.14 -7.60 2.28
N VAL A 121 8.40 -7.18 2.11
CA VAL A 121 9.50 -7.60 2.99
C VAL A 121 9.29 -7.16 4.44
N LEU A 122 8.72 -5.97 4.61
CA LEU A 122 8.53 -5.37 5.93
C LEU A 122 7.44 -6.05 6.76
N ALA A 123 6.66 -6.92 6.13
CA ALA A 123 5.60 -7.69 6.80
C ALA A 123 6.12 -8.73 7.80
N ASP A 124 7.40 -9.08 7.66
CA ASP A 124 8.05 -10.03 8.56
C ASP A 124 8.28 -9.38 9.93
N LYS A 125 7.35 -9.61 10.85
CA LYS A 125 7.45 -9.01 12.18
C LYS A 125 8.43 -9.72 13.11
N LYS A 126 9.19 -10.67 12.57
CA LYS A 126 10.30 -11.26 13.32
C LYS A 126 11.57 -10.45 13.08
N LYS A 127 11.71 -9.94 11.86
CA LYS A 127 12.82 -9.07 11.51
C LYS A 127 12.48 -7.60 11.76
N TYR A 128 11.21 -7.25 11.59
CA TYR A 128 10.76 -5.87 11.74
C TYR A 128 9.61 -5.72 12.75
N PRO A 129 9.85 -6.07 14.03
CA PRO A 129 8.77 -6.09 15.03
C PRO A 129 8.20 -4.72 15.38
N TYR A 130 9.00 -3.67 15.22
CA TYR A 130 8.59 -2.32 15.60
C TYR A 130 8.12 -1.48 14.42
N PHE A 131 7.84 -2.14 13.28
CA PHE A 131 7.45 -1.43 12.08
C PHE A 131 5.96 -1.54 11.79
N PHE A 132 5.32 -0.38 11.61
CA PHE A 132 3.91 -0.30 11.26
C PHE A 132 3.78 0.52 9.98
N ARG A 133 2.66 0.36 9.29
CA ARG A 133 2.38 1.21 8.11
C ARG A 133 0.88 1.38 7.87
N THR A 134 0.49 2.59 7.49
CA THR A 134 -0.92 2.90 7.24
C THR A 134 -1.32 2.50 5.82
N VAL A 135 -0.34 2.39 4.93
CA VAL A 135 -0.61 1.99 3.54
C VAL A 135 -0.67 0.47 3.44
N PRO A 136 -1.69 -0.06 2.72
CA PRO A 136 -1.72 -1.50 2.45
C PRO A 136 -0.49 -1.92 1.66
N SER A 137 0.07 -3.09 1.99
CA SER A 137 1.28 -3.56 1.36
C SER A 137 0.97 -4.25 0.03
N ASP A 138 2.01 -4.60 -0.72
CA ASP A 138 1.82 -5.28 -2.01
C ASP A 138 1.05 -6.61 -1.86
N ASN A 139 1.17 -7.24 -0.69
CA ASN A 139 0.44 -8.47 -0.39
C ASN A 139 -1.07 -8.27 -0.22
N ALA A 140 -1.47 -7.05 0.16
CA ALA A 140 -2.87 -6.78 0.49
C ALA A 140 -3.84 -7.04 -0.67
N VAL A 141 -3.30 -7.15 -1.88
CA VAL A 141 -4.11 -7.47 -3.07
C VAL A 141 -4.63 -8.91 -3.08
N ASN A 142 -3.90 -9.82 -2.43
CA ASN A 142 -4.24 -11.25 -2.44
C ASN A 142 -5.61 -11.61 -1.84
N PRO A 143 -5.88 -11.21 -0.57
CA PRO A 143 -7.23 -11.42 -0.04
C PRO A 143 -8.31 -10.73 -0.89
N ALA A 144 -7.96 -9.60 -1.49
CA ALA A 144 -8.87 -8.89 -2.40
C ALA A 144 -9.16 -9.71 -3.65
N ILE A 145 -8.10 -10.29 -4.22
CA ILE A 145 -8.20 -11.11 -5.41
C ILE A 145 -9.02 -12.37 -5.13
N LEU A 146 -8.74 -13.04 -4.01
CA LEU A 146 -9.47 -14.23 -3.61
C LEU A 146 -10.99 -14.01 -3.62
N LYS A 147 -11.41 -12.87 -3.06
CA LYS A 147 -12.82 -12.50 -3.06
C LYS A 147 -13.36 -12.26 -4.47
N LEU A 148 -12.53 -11.70 -5.35
CA LEU A 148 -12.93 -11.50 -6.74
C LEU A 148 -13.11 -12.83 -7.45
N LEU A 149 -12.18 -13.76 -7.21
CA LEU A 149 -12.24 -15.11 -7.78
C LEU A 149 -13.49 -15.86 -7.37
N LYS A 150 -13.81 -15.82 -6.07
CA LYS A 150 -14.99 -16.49 -5.55
C LYS A 150 -16.28 -15.82 -6.03
N HIS A 151 -16.22 -14.51 -6.22
CA HIS A 151 -17.37 -13.77 -6.73
C HIS A 151 -17.74 -14.24 -8.14
N TYR A 152 -16.75 -14.36 -9.02
CA TYR A 152 -16.98 -14.82 -10.38
C TYR A 152 -16.84 -16.33 -10.53
N GLN A 153 -16.69 -17.00 -9.39
CA GLN A 153 -16.58 -18.47 -9.34
C GLN A 153 -15.43 -19.02 -10.18
N TRP A 154 -14.31 -18.30 -10.18
CA TRP A 154 -13.11 -18.76 -10.85
C TRP A 154 -12.33 -19.63 -9.86
N LYS A 155 -12.46 -20.94 -10.03
CA LYS A 155 -11.91 -21.92 -9.09
C LYS A 155 -10.61 -22.54 -9.60
N ARG A 156 -10.20 -22.11 -10.79
CA ARG A 156 -8.96 -22.58 -11.40
C ARG A 156 -8.19 -21.40 -11.99
N VAL A 157 -7.01 -21.13 -11.42
CA VAL A 157 -6.18 -20.02 -11.88
C VAL A 157 -4.76 -20.45 -12.20
N GLY A 158 -4.11 -19.72 -13.10
CA GLY A 158 -2.67 -19.86 -13.33
C GLY A 158 -1.97 -18.60 -12.84
N THR A 159 -0.69 -18.71 -12.49
CA THR A 159 0.07 -17.56 -12.02
C THR A 159 1.32 -17.30 -12.85
N LEU A 160 1.62 -16.01 -13.06
CA LEU A 160 2.77 -15.58 -13.83
C LEU A 160 3.55 -14.56 -13.01
N THR A 161 4.70 -14.99 -12.48
CA THR A 161 5.51 -14.14 -11.63
C THR A 161 6.87 -13.83 -12.25
N GLN A 162 7.28 -12.56 -12.14
CA GLN A 162 8.60 -12.11 -12.54
C GLN A 162 9.60 -12.47 -11.43
N ASP A 163 10.78 -12.93 -11.82
CA ASP A 163 11.81 -13.36 -10.85
C ASP A 163 12.51 -12.20 -10.13
N VAL A 164 11.76 -11.49 -9.31
CA VAL A 164 12.28 -10.39 -8.50
C VAL A 164 11.60 -10.45 -7.13
N GLN A 165 12.36 -10.20 -6.07
CA GLN A 165 11.85 -10.30 -4.69
C GLN A 165 10.48 -9.66 -4.51
N ARG A 166 10.34 -8.44 -5.04
CA ARG A 166 9.10 -7.66 -5.01
C ARG A 166 7.89 -8.52 -5.34
N PHE A 167 7.95 -9.22 -6.47
CA PHE A 167 6.86 -10.03 -6.97
C PHE A 167 6.86 -11.48 -6.44
N SER A 168 8.05 -12.05 -6.30
CA SER A 168 8.21 -13.39 -5.70
C SER A 168 7.50 -13.48 -4.35
N GLU A 169 7.67 -12.46 -3.53
CA GLU A 169 7.10 -12.46 -2.19
C GLU A 169 5.57 -12.29 -2.17
N VAL A 170 5.04 -11.55 -3.15
CA VAL A 170 3.59 -11.41 -3.31
C VAL A 170 3.01 -12.77 -3.71
N ARG A 171 3.62 -13.39 -4.72
CA ARG A 171 3.22 -14.71 -5.19
C ARG A 171 3.25 -15.74 -4.05
N ASN A 172 4.30 -15.69 -3.24
CA ASN A 172 4.44 -16.60 -2.10
C ASN A 172 3.33 -16.40 -1.07
N ASP A 173 2.98 -15.14 -0.82
CA ASP A 173 1.90 -14.81 0.11
C ASP A 173 0.56 -15.35 -0.37
N LEU A 174 0.40 -15.45 -1.69
CA LEU A 174 -0.83 -15.95 -2.32
C LEU A 174 -1.15 -17.39 -1.92
N THR A 175 -0.11 -18.21 -1.78
CA THR A 175 -0.26 -19.61 -1.37
C THR A 175 -0.96 -19.72 -0.02
N GLY A 176 -0.52 -18.91 0.94
CA GLY A 176 -1.12 -18.84 2.27
C GLY A 176 -2.56 -18.34 2.27
N VAL A 177 -2.87 -17.44 1.34
CA VAL A 177 -4.20 -16.86 1.22
C VAL A 177 -5.20 -17.89 0.66
N LEU A 178 -4.74 -18.72 -0.28
CA LEU A 178 -5.56 -19.77 -0.88
C LEU A 178 -5.38 -21.11 -0.15
N TYR A 179 -5.75 -21.14 1.13
CA TYR A 179 -5.50 -22.31 1.98
C TYR A 179 -6.46 -23.48 1.73
N GLY A 180 -7.62 -23.47 2.37
CA GLY A 180 -8.66 -24.48 2.16
C GLY A 180 -9.74 -23.94 1.25
N GLU A 181 -9.44 -22.83 0.60
CA GLU A 181 -10.34 -22.19 -0.34
C GLU A 181 -10.48 -23.08 -1.57
N ASP A 182 -11.68 -23.14 -2.12
CA ASP A 182 -11.95 -24.02 -3.25
C ASP A 182 -11.38 -23.46 -4.55
N ILE A 183 -10.11 -23.09 -4.52
CA ILE A 183 -9.39 -22.56 -5.68
C ILE A 183 -8.04 -23.23 -5.81
N GLU A 184 -7.76 -23.76 -7.00
CA GLU A 184 -6.46 -24.38 -7.25
C GLU A 184 -5.60 -23.55 -8.20
N ILE A 185 -4.30 -23.50 -7.91
CA ILE A 185 -3.33 -22.94 -8.83
C ILE A 185 -2.90 -24.09 -9.74
N SER A 186 -3.57 -24.20 -10.89
CA SER A 186 -3.34 -25.31 -11.81
C SER A 186 -2.02 -25.18 -12.59
N ASP A 187 -1.36 -24.03 -12.45
CA ASP A 187 -0.08 -23.78 -13.12
C ASP A 187 0.63 -22.61 -12.50
N THR A 188 1.95 -22.75 -12.31
CA THR A 188 2.77 -21.71 -11.73
C THR A 188 3.98 -21.51 -12.63
N GLU A 189 4.09 -20.32 -13.22
CA GLU A 189 5.15 -20.02 -14.17
C GLU A 189 5.98 -18.81 -13.77
N SER A 190 7.25 -18.85 -14.13
CA SER A 190 8.22 -17.82 -13.79
C SER A 190 8.97 -17.32 -15.01
N PHE A 191 9.61 -16.17 -14.86
CA PHE A 191 10.47 -15.62 -15.91
C PHE A 191 11.32 -14.49 -15.34
N SER A 192 12.44 -14.22 -16.00
CA SER A 192 13.31 -13.13 -15.58
C SER A 192 13.30 -11.99 -16.60
N ASN A 193 13.60 -12.32 -17.86
CA ASN A 193 13.67 -11.31 -18.91
C ASN A 193 12.75 -11.60 -20.10
N ASP A 194 12.35 -12.86 -20.26
CA ASP A 194 11.43 -13.22 -21.34
C ASP A 194 10.23 -14.04 -20.83
N PRO A 195 9.02 -13.45 -20.90
CA PRO A 195 7.80 -14.08 -20.40
C PRO A 195 7.12 -15.05 -21.38
N CYS A 196 7.53 -15.00 -22.65
CA CYS A 196 6.85 -15.72 -23.73
C CYS A 196 6.80 -17.25 -23.57
N THR A 197 7.87 -17.83 -23.03
CA THR A 197 7.91 -19.26 -22.74
C THR A 197 6.85 -19.64 -21.71
N SER A 198 6.79 -18.85 -20.63
CA SER A 198 5.85 -19.08 -19.54
C SER A 198 4.39 -18.90 -19.98
N VAL A 199 4.14 -17.91 -20.83
CA VAL A 199 2.80 -17.63 -21.35
C VAL A 199 2.35 -18.78 -22.26
N LYS A 200 3.29 -19.28 -23.06
CA LYS A 200 3.03 -20.43 -23.94
C LYS A 200 2.68 -21.67 -23.10
N LYS A 201 3.38 -21.84 -21.98
CA LYS A 201 3.13 -22.96 -21.08
C LYS A 201 1.73 -22.88 -20.46
N LEU A 202 1.34 -21.68 -20.06
CA LEU A 202 0.01 -21.45 -19.49
C LEU A 202 -1.09 -21.79 -20.49
N LYS A 203 -0.88 -21.43 -21.76
CA LYS A 203 -1.85 -21.74 -22.81
C LYS A 203 -2.00 -23.24 -23.02
N GLY A 204 -0.87 -23.95 -23.06
CA GLY A 204 -0.87 -25.41 -23.19
C GLY A 204 -1.55 -26.09 -22.03
N ASN A 205 -1.37 -25.52 -20.84
CA ASN A 205 -2.01 -26.02 -19.62
C ASN A 205 -3.49 -25.59 -19.53
N ASP A 206 -3.96 -24.92 -20.59
CA ASP A 206 -5.37 -24.47 -20.73
C ASP A 206 -5.82 -23.50 -19.64
N VAL A 207 -4.92 -22.65 -19.16
CA VAL A 207 -5.26 -21.65 -18.15
C VAL A 207 -6.11 -20.54 -18.79
N ARG A 208 -7.11 -20.08 -18.05
CA ARG A 208 -8.03 -19.05 -18.54
C ARG A 208 -8.00 -17.79 -17.69
N ILE A 209 -7.71 -17.96 -16.40
CA ILE A 209 -7.64 -16.85 -15.45
C ILE A 209 -6.19 -16.74 -14.97
N ILE A 210 -5.49 -15.69 -15.40
CA ILE A 210 -4.08 -15.51 -15.05
C ILE A 210 -3.87 -14.43 -13.99
N LEU A 211 -3.17 -14.78 -12.91
CA LEU A 211 -2.82 -13.81 -11.88
C LEU A 211 -1.38 -13.40 -12.06
N GLY A 212 -1.20 -12.16 -12.53
CA GLY A 212 0.14 -11.68 -12.91
C GLY A 212 0.81 -10.82 -11.86
N GLN A 213 2.11 -11.04 -11.68
CA GLN A 213 2.92 -10.19 -10.82
C GLN A 213 4.24 -9.84 -11.50
N PHE A 214 4.29 -8.64 -12.06
CA PHE A 214 5.44 -8.15 -12.81
C PHE A 214 5.42 -6.62 -12.92
N ASP A 215 6.52 -6.02 -13.41
CA ASP A 215 6.62 -4.57 -13.56
C ASP A 215 6.03 -4.10 -14.89
N GLN A 216 5.94 -2.78 -15.08
CA GLN A 216 5.28 -2.25 -16.29
C GLN A 216 6.05 -2.49 -17.59
N ASN A 217 7.37 -2.56 -17.49
CA ASN A 217 8.19 -2.89 -18.65
C ASN A 217 7.92 -4.33 -19.13
N MET A 218 7.78 -5.25 -18.17
CA MET A 218 7.48 -6.65 -18.51
C MET A 218 6.03 -6.81 -18.96
N ALA A 219 5.12 -6.02 -18.38
CA ALA A 219 3.71 -6.07 -18.74
C ALA A 219 3.49 -5.98 -20.25
N ALA A 220 4.22 -5.08 -20.90
CA ALA A 220 4.17 -4.91 -22.35
C ALA A 220 4.53 -6.21 -23.07
N LYS A 221 5.58 -6.87 -22.58
CA LYS A 221 6.02 -8.14 -23.15
C LYS A 221 4.99 -9.24 -22.94
N VAL A 222 4.44 -9.32 -21.72
CA VAL A 222 3.40 -10.28 -21.38
C VAL A 222 2.20 -10.18 -22.32
N PHE A 223 1.66 -8.99 -22.47
CA PHE A 223 0.48 -8.80 -23.33
C PHE A 223 0.78 -8.94 -24.81
N CYS A 224 2.05 -8.76 -25.18
CA CYS A 224 2.50 -9.03 -26.54
C CYS A 224 2.45 -10.53 -26.83
N CYS A 225 2.99 -11.33 -25.90
CA CYS A 225 2.93 -12.79 -25.99
C CYS A 225 1.47 -13.26 -26.01
N ALA A 226 0.66 -12.68 -25.13
CA ALA A 226 -0.77 -12.97 -25.06
C ALA A 226 -1.48 -12.76 -26.40
N TYR A 227 -1.12 -11.69 -27.10
CA TYR A 227 -1.70 -11.42 -28.42
C TYR A 227 -1.37 -12.52 -29.43
N GLU A 228 -0.11 -12.92 -29.50
CA GLU A 228 0.29 -13.96 -30.45
C GLU A 228 -0.18 -15.35 -30.03
N GLU A 229 -0.34 -15.57 -28.73
CA GLU A 229 -0.87 -16.83 -28.21
C GLU A 229 -2.40 -16.83 -28.16
N ASN A 230 -3.00 -15.72 -28.61
CA ASN A 230 -4.46 -15.53 -28.58
C ASN A 230 -5.08 -15.68 -27.18
N MET A 231 -4.30 -15.38 -26.14
CA MET A 231 -4.79 -15.47 -24.77
C MET A 231 -5.44 -14.17 -24.31
N TYR A 232 -6.44 -13.74 -25.08
CA TYR A 232 -7.20 -12.53 -24.76
C TYR A 232 -8.59 -12.65 -25.37
N GLY A 233 -9.47 -11.73 -24.98
CA GLY A 233 -10.85 -11.75 -25.45
C GLY A 233 -11.77 -12.43 -24.46
N SER A 234 -12.89 -12.93 -24.96
CA SER A 234 -13.99 -13.44 -24.16
C SER A 234 -13.66 -14.63 -23.27
N LYS A 235 -12.61 -15.37 -23.61
CA LYS A 235 -12.29 -16.60 -22.88
C LYS A 235 -11.29 -16.39 -21.76
N TYR A 236 -10.71 -15.20 -21.69
CA TYR A 236 -9.56 -14.95 -20.81
C TYR A 236 -9.73 -13.77 -19.86
N GLN A 237 -9.07 -13.87 -18.71
CA GLN A 237 -9.09 -12.78 -17.74
C GLN A 237 -7.74 -12.67 -17.06
N TRP A 238 -7.05 -11.56 -17.33
CA TRP A 238 -5.79 -11.24 -16.67
C TRP A 238 -6.07 -10.33 -15.49
N ILE A 239 -5.43 -10.63 -14.37
CA ILE A 239 -5.52 -9.83 -13.15
C ILE A 239 -4.10 -9.51 -12.75
N ILE A 240 -3.74 -8.24 -12.82
CA ILE A 240 -2.35 -7.81 -12.69
C ILE A 240 -2.18 -6.60 -11.73
N PRO A 241 -0.94 -6.15 -11.50
CA PRO A 241 -0.78 -4.96 -10.66
C PRO A 241 -1.54 -3.76 -11.24
N GLY A 242 -2.13 -2.96 -10.36
CA GLY A 242 -2.88 -1.79 -10.75
C GLY A 242 -2.13 -0.48 -10.52
N TRP A 243 -0.85 -0.59 -10.21
CA TRP A 243 -0.03 0.58 -9.89
C TRP A 243 0.81 1.14 -11.05
N TYR A 244 0.60 0.65 -12.27
CA TYR A 244 1.33 1.17 -13.44
C TYR A 244 0.90 2.59 -13.77
N GLU A 245 1.79 3.37 -14.40
CA GLU A 245 1.48 4.74 -14.80
C GLU A 245 0.36 4.79 -15.85
N PRO A 246 -0.52 5.80 -15.76
CA PRO A 246 -1.71 5.97 -16.60
C PRO A 246 -1.53 5.54 -18.06
N SER A 247 -0.51 6.05 -18.72
CA SER A 247 -0.31 5.75 -20.13
C SER A 247 0.93 4.88 -20.36
N TRP A 248 1.05 3.80 -19.60
CA TRP A 248 2.25 2.96 -19.64
C TRP A 248 2.45 2.25 -20.97
N TRP A 249 1.36 1.98 -21.67
CA TRP A 249 1.40 1.32 -22.98
C TRP A 249 1.80 2.28 -24.10
N GLU A 250 1.55 3.57 -23.89
CA GLU A 250 1.96 4.60 -24.84
C GLU A 250 3.49 4.71 -24.91
N GLN A 251 4.12 4.63 -23.73
CA GLN A 251 5.57 4.78 -23.57
C GLN A 251 6.40 3.68 -24.25
N VAL A 252 5.74 2.57 -24.57
CA VAL A 252 6.39 1.42 -25.20
C VAL A 252 6.74 1.74 -26.65
N SER A 259 6.39 -3.94 -28.03
CA SER A 259 7.75 -4.47 -28.08
C SER A 259 7.99 -5.23 -29.38
N ARG A 260 7.51 -6.47 -29.44
CA ARG A 260 7.61 -7.30 -30.62
C ARG A 260 6.39 -7.09 -31.53
N CYS A 261 5.30 -6.62 -30.93
CA CYS A 261 4.04 -6.43 -31.66
C CYS A 261 3.64 -4.96 -31.77
N LEU A 262 2.67 -4.69 -32.64
CA LEU A 262 2.11 -3.35 -32.83
C LEU A 262 1.36 -2.87 -31.59
N ARG A 263 1.26 -1.55 -31.44
CA ARG A 263 0.58 -0.96 -30.30
C ARG A 263 -0.91 -1.28 -30.29
N LYS A 264 -1.48 -1.43 -31.48
CA LYS A 264 -2.89 -1.77 -31.63
C LYS A 264 -3.20 -3.19 -31.16
N ASN A 265 -2.26 -4.10 -31.40
CA ASN A 265 -2.41 -5.50 -31.00
C ASN A 265 -2.22 -5.67 -29.49
N LEU A 266 -1.26 -4.92 -28.97
CA LEU A 266 -1.04 -4.82 -27.53
C LEU A 266 -2.30 -4.30 -26.83
N LEU A 267 -2.98 -3.33 -27.43
CA LEU A 267 -4.23 -2.79 -26.88
C LEU A 267 -5.36 -3.81 -26.92
N ALA A 268 -5.40 -4.62 -27.97
CA ALA A 268 -6.43 -5.65 -28.11
C ALA A 268 -6.28 -6.74 -27.05
N ALA A 269 -5.04 -7.01 -26.67
CA ALA A 269 -4.74 -8.01 -25.65
C ALA A 269 -4.93 -7.46 -24.24
N MET A 270 -4.71 -6.16 -24.09
CA MET A 270 -4.87 -5.49 -22.79
C MET A 270 -6.34 -5.37 -22.40
N GLU A 271 -7.20 -5.11 -23.39
CA GLU A 271 -8.62 -4.90 -23.16
C GLU A 271 -9.24 -5.86 -22.14
N GLY A 272 -9.85 -5.29 -21.10
CA GLY A 272 -10.55 -6.08 -20.09
C GLY A 272 -9.73 -6.52 -18.89
N TYR A 273 -8.42 -6.25 -18.89
CA TYR A 273 -7.60 -6.69 -17.76
C TYR A 273 -7.99 -5.97 -16.49
N ILE A 274 -7.80 -6.65 -15.37
CA ILE A 274 -8.15 -6.11 -14.06
C ILE A 274 -6.89 -5.74 -13.29
N GLY A 275 -6.86 -4.50 -12.80
CA GLY A 275 -5.73 -4.00 -12.03
C GLY A 275 -6.07 -3.93 -10.56
N VAL A 276 -5.13 -4.31 -9.70
CA VAL A 276 -5.36 -4.30 -8.26
C VAL A 276 -4.27 -3.49 -7.55
N ASP A 277 -4.72 -2.55 -6.72
CA ASP A 277 -3.84 -1.63 -5.99
C ASP A 277 -4.59 -1.06 -4.79
N PHE A 278 -3.88 -0.32 -3.93
CA PHE A 278 -4.54 0.32 -2.79
C PHE A 278 -5.39 1.49 -3.28
N GLU A 279 -6.42 1.82 -2.52
CA GLU A 279 -7.25 2.97 -2.83
C GLU A 279 -6.72 4.20 -2.08
N PRO A 280 -6.37 5.27 -2.82
CA PRO A 280 -5.81 6.47 -2.20
C PRO A 280 -6.70 7.11 -1.11
N LEU A 281 -7.99 7.25 -1.39
CA LEU A 281 -8.93 7.81 -0.42
C LEU A 281 -10.20 7.00 -0.35
N SER A 282 -10.93 7.10 0.77
CA SER A 282 -12.22 6.44 0.91
C SER A 282 -13.31 7.17 0.12
N SER A 283 -14.29 6.41 -0.35
CA SER A 283 -15.40 6.98 -1.12
C SER A 283 -16.68 7.11 -0.28
N LYS A 284 -16.61 6.68 0.98
CA LYS A 284 -17.71 6.84 1.94
C LYS A 284 -17.76 8.29 2.39
N GLN A 285 -18.97 8.85 2.47
CA GLN A 285 -19.15 10.25 2.86
C GLN A 285 -19.31 10.43 4.37
N ILE A 286 -18.85 9.45 5.13
CA ILE A 286 -18.91 9.47 6.60
C ILE A 286 -17.87 10.45 7.17
N LYS A 287 -18.21 11.06 8.31
CA LYS A 287 -17.29 11.97 9.02
C LYS A 287 -16.16 11.16 9.69
N THR A 288 -14.93 11.60 9.47
CA THR A 288 -13.76 10.92 10.01
C THR A 288 -13.39 11.47 11.39
N ILE A 289 -12.29 10.96 11.94
CA ILE A 289 -11.79 11.35 13.26
C ILE A 289 -11.53 12.86 13.40
N SER A 290 -11.23 13.50 12.28
CA SER A 290 -10.99 14.94 12.26
C SER A 290 -12.31 15.71 12.32
N GLY A 291 -13.39 15.06 11.91
CA GLY A 291 -14.71 15.69 11.83
C GLY A 291 -15.07 16.05 10.41
N LYS A 292 -14.21 15.65 9.47
CA LYS A 292 -14.41 15.96 8.05
C LYS A 292 -14.64 14.68 7.26
N THR A 293 -15.21 14.82 6.07
CA THR A 293 -15.40 13.69 5.18
C THR A 293 -14.14 13.53 4.32
N PRO A 294 -13.92 12.33 3.76
CA PRO A 294 -12.80 12.15 2.82
C PRO A 294 -12.81 13.17 1.67
N GLN A 295 -14.01 13.61 1.27
CA GLN A 295 -14.17 14.58 0.18
C GLN A 295 -13.82 15.99 0.66
N GLN A 296 -14.32 16.35 1.85
CA GLN A 296 -13.99 17.63 2.48
C GLN A 296 -12.50 17.76 2.72
N TYR A 297 -11.86 16.68 3.18
CA TYR A 297 -10.41 16.66 3.38
C TYR A 297 -9.67 16.87 2.06
N GLU A 298 -10.08 16.13 1.02
CA GLU A 298 -9.43 16.21 -0.30
C GLU A 298 -9.43 17.63 -0.85
N ARG A 299 -10.57 18.31 -0.77
CA ARG A 299 -10.69 19.68 -1.24
C ARG A 299 -9.81 20.63 -0.42
N GLU A 300 -9.75 20.40 0.88
CA GLU A 300 -8.92 21.20 1.78
C GLU A 300 -7.43 20.94 1.54
N TYR A 301 -7.11 19.72 1.10
CA TYR A 301 -5.74 19.35 0.76
C TYR A 301 -5.27 20.05 -0.52
N ASN A 302 -6.13 20.03 -1.55
CA ASN A 302 -5.79 20.66 -2.82
C ASN A 302 -5.60 22.18 -2.72
N ASN A 303 -6.18 22.79 -1.69
CA ASN A 303 -5.98 24.20 -1.39
C ASN A 303 -4.57 24.54 -0.90
N LYS A 304 -4.03 23.69 -0.04
CA LYS A 304 -2.71 23.91 0.55
C LYS A 304 -1.56 23.66 -0.43
N ARG A 305 -1.67 22.59 -1.23
CA ARG A 305 -0.62 22.25 -2.19
C ARG A 305 -0.36 23.40 -3.17
N SER A 306 -1.42 24.08 -3.59
CA SER A 306 -1.34 25.19 -4.55
C SER A 306 -0.43 24.87 -5.73
N GLY A 307 -0.75 23.78 -6.44
CA GLY A 307 0.01 23.37 -7.63
C GLY A 307 1.36 22.75 -7.35
N VAL A 308 1.76 22.68 -6.06
CA VAL A 308 3.02 22.02 -5.66
C VAL A 308 3.09 20.57 -6.13
N GLY A 309 1.93 20.00 -6.48
CA GLY A 309 1.85 18.65 -6.99
C GLY A 309 1.07 17.79 -6.02
N PRO A 310 0.53 16.66 -6.51
CA PRO A 310 -0.18 15.72 -5.66
C PRO A 310 0.55 14.39 -5.45
N SER A 311 0.40 13.81 -4.25
CA SER A 311 0.87 12.45 -4.00
C SER A 311 -0.31 11.57 -3.64
N LYS A 312 -0.35 10.36 -4.19
CA LYS A 312 -1.41 9.40 -3.90
C LYS A 312 -1.32 8.83 -2.48
N PHE A 313 -0.24 9.16 -1.79
CA PHE A 313 -0.01 8.69 -0.42
C PHE A 313 -0.43 9.73 0.63
N HIS A 314 -0.97 10.87 0.18
CA HIS A 314 -1.26 12.00 1.08
C HIS A 314 -2.29 11.66 2.14
N GLY A 315 -3.29 10.86 1.78
CA GLY A 315 -4.32 10.44 2.72
C GLY A 315 -3.73 9.54 3.79
N TYR A 316 -2.77 8.72 3.38
CA TYR A 316 -2.08 7.81 4.29
C TYR A 316 -1.12 8.54 5.23
N ALA A 317 -0.54 9.63 4.75
CA ALA A 317 0.29 10.49 5.59
C ALA A 317 -0.59 11.22 6.59
N TYR A 318 -1.72 11.74 6.11
CA TYR A 318 -2.67 12.45 6.94
C TYR A 318 -3.18 11.57 8.08
N ASP A 319 -3.66 10.37 7.73
CA ASP A 319 -4.10 9.41 8.75
C ASP A 319 -2.95 9.03 9.67
N GLY A 320 -1.74 8.95 9.12
CA GLY A 320 -0.52 8.64 9.87
C GLY A 320 -0.30 9.56 11.06
N ILE A 321 -0.39 10.87 10.85
CA ILE A 321 -0.25 11.83 11.94
C ILE A 321 -1.34 11.64 13.01
N TRP A 322 -2.55 11.31 12.57
CA TRP A 322 -3.63 10.98 13.48
C TRP A 322 -3.36 9.70 14.27
N VAL A 323 -2.77 8.70 13.62
CA VAL A 323 -2.36 7.49 14.32
C VAL A 323 -1.34 7.83 15.42
N ILE A 324 -0.32 8.62 15.05
CA ILE A 324 0.70 9.05 16.00
C ILE A 324 0.10 9.82 17.18
N ALA A 325 -0.80 10.75 16.88
CA ALA A 325 -1.47 11.55 17.90
C ALA A 325 -2.27 10.69 18.87
N LYS A 326 -3.07 9.78 18.34
CA LYS A 326 -3.86 8.86 19.17
C LYS A 326 -2.98 7.89 19.95
N THR A 327 -1.90 7.44 19.34
CA THR A 327 -0.96 6.54 20.01
C THR A 327 -0.36 7.23 21.24
N LEU A 328 0.01 8.49 21.08
CA LEU A 328 0.62 9.24 22.19
C LEU A 328 -0.40 9.52 23.30
N GLN A 329 -1.64 9.80 22.91
CA GLN A 329 -2.73 9.91 23.89
C GLN A 329 -2.84 8.64 24.73
N ARG A 330 -2.95 7.49 24.06
CA ARG A 330 -3.04 6.20 24.74
C ARG A 330 -1.82 5.88 25.59
N ALA A 331 -0.63 6.28 25.10
CA ALA A 331 0.61 6.09 25.84
C ALA A 331 0.59 6.84 27.17
N MET A 332 0.02 8.03 27.17
CA MET A 332 -0.14 8.82 28.40
C MET A 332 -1.15 8.19 29.38
N GLU A 333 -2.25 7.67 28.84
CA GLU A 333 -3.24 6.93 29.64
C GLU A 333 -2.60 5.72 30.32
N THR A 334 -1.76 4.99 29.59
CA THR A 334 -1.10 3.80 30.13
C THR A 334 -0.07 4.17 31.22
N LEU A 335 0.70 5.21 30.96
CA LEU A 335 1.64 5.72 31.95
C LEU A 335 0.90 6.18 33.20
N HIS A 336 -0.12 7.03 33.02
CA HIS A 336 -0.89 7.57 34.14
C HIS A 336 -1.59 6.48 34.93
N ALA A 337 -1.92 5.37 34.28
CA ALA A 337 -2.57 4.24 34.96
C ALA A 337 -1.59 3.24 35.58
N SER A 338 -0.31 3.37 35.30
CA SER A 338 0.71 2.47 35.86
C SER A 338 0.99 2.79 37.34
N SER A 339 1.75 1.91 38.00
CA SER A 339 2.00 2.06 39.44
C SER A 339 3.05 3.12 39.76
N ARG A 340 4.00 3.32 38.86
CA ARG A 340 5.02 4.35 39.00
C ARG A 340 4.58 5.67 38.37
N HIS A 341 3.59 5.57 37.47
CA HIS A 341 2.99 6.72 36.80
C HIS A 341 3.98 7.78 36.29
N GLN A 342 5.07 7.30 35.68
CA GLN A 342 6.07 8.19 35.08
C GLN A 342 5.46 9.07 33.98
N ARG A 343 6.08 10.22 33.73
CA ARG A 343 5.63 11.12 32.70
C ARG A 343 6.58 11.02 31.52
N ILE A 344 6.09 11.33 30.32
CA ILE A 344 6.92 11.24 29.12
C ILE A 344 8.18 12.11 29.26
N GLN A 345 7.99 13.31 29.79
CA GLN A 345 9.09 14.23 30.08
C GLN A 345 10.10 13.66 31.09
N ASP A 346 9.72 12.60 31.80
CA ASP A 346 10.60 11.96 32.79
C ASP A 346 11.64 11.03 32.17
N PHE A 347 11.41 10.60 30.93
CA PHE A 347 12.33 9.71 30.24
C PHE A 347 13.43 10.53 29.57
N ASN A 348 14.68 10.27 29.97
CA ASN A 348 15.84 10.93 29.36
C ASN A 348 16.02 10.49 27.91
N TYR A 349 15.57 9.28 27.61
CA TYR A 349 15.59 8.73 26.26
C TYR A 349 14.40 7.78 26.12
N THR A 350 14.07 7.42 24.88
CA THR A 350 13.04 6.43 24.63
C THR A 350 13.61 5.07 25.00
N ASP A 351 13.35 4.64 26.23
CA ASP A 351 13.89 3.37 26.73
C ASP A 351 13.02 2.18 26.38
N HIS A 352 13.43 1.00 26.85
CA HIS A 352 12.68 -0.23 26.57
C HIS A 352 11.21 -0.12 26.97
N THR A 353 10.96 0.37 28.19
CA THR A 353 9.60 0.51 28.71
C THR A 353 8.74 1.43 27.84
N LEU A 354 9.26 2.62 27.54
CA LEU A 354 8.50 3.60 26.78
C LEU A 354 8.18 3.08 25.38
N GLY A 355 9.15 2.42 24.74
CA GLY A 355 8.96 1.82 23.42
C GLY A 355 7.88 0.77 23.39
N ARG A 356 7.79 -0.04 24.44
CA ARG A 356 6.77 -1.08 24.55
C ARG A 356 5.38 -0.52 24.75
N ILE A 357 5.28 0.54 25.55
CA ILE A 357 4.01 1.21 25.78
C ILE A 357 3.51 1.85 24.47
N ILE A 358 4.43 2.47 23.74
CA ILE A 358 4.09 3.06 22.44
C ILE A 358 3.69 1.97 21.44
N LEU A 359 4.49 0.91 21.34
CA LEU A 359 4.16 -0.25 20.50
C LEU A 359 2.76 -0.82 20.80
N ASN A 360 2.48 -1.10 22.06
CA ASN A 360 1.15 -1.60 22.45
C ASN A 360 0.03 -0.61 22.15
N ALA A 361 0.27 0.67 22.40
CA ALA A 361 -0.73 1.71 22.11
C ALA A 361 -1.08 1.78 20.62
N MET A 362 -0.08 1.59 19.77
CA MET A 362 -0.31 1.68 18.32
C MET A 362 -1.07 0.46 17.80
N ASN A 363 -0.76 -0.71 18.36
CA ASN A 363 -1.46 -1.96 18.06
C ASN A 363 -2.98 -1.84 18.28
N GLU A 364 -3.37 -0.93 19.16
CA GLU A 364 -4.78 -0.73 19.50
C GLU A 364 -5.51 0.27 18.60
N THR A 365 -4.80 0.84 17.62
CA THR A 365 -5.39 1.84 16.71
C THR A 365 -6.66 1.32 16.03
N ASN A 366 -7.73 2.11 16.13
CA ASN A 366 -8.99 1.81 15.48
C ASN A 366 -9.87 3.05 15.38
N PHE A 367 -9.82 3.73 14.24
CA PHE A 367 -10.67 4.87 14.00
C PHE A 367 -10.95 5.03 12.51
N PHE A 368 -11.91 5.87 12.17
CA PHE A 368 -12.20 6.13 10.77
C PHE A 368 -11.43 7.34 10.27
N GLY A 369 -10.52 7.10 9.33
CA GLY A 369 -9.74 8.16 8.71
C GLY A 369 -10.15 8.37 7.27
N VAL A 370 -9.42 9.25 6.57
CA VAL A 370 -9.74 9.61 5.18
C VAL A 370 -9.50 8.47 4.19
N THR A 371 -8.72 7.48 4.61
CA THR A 371 -8.44 6.30 3.79
C THR A 371 -9.29 5.10 4.22
N GLY A 372 -10.33 5.37 5.01
CA GLY A 372 -11.19 4.34 5.55
C GLY A 372 -10.81 3.99 6.98
N GLN A 373 -11.34 2.88 7.49
CA GLN A 373 -11.06 2.44 8.85
C GLN A 373 -9.58 2.10 8.99
N VAL A 374 -8.92 2.74 9.97
CA VAL A 374 -7.50 2.55 10.19
C VAL A 374 -7.31 1.54 11.30
N VAL A 375 -6.88 0.34 10.91
CA VAL A 375 -6.68 -0.77 11.82
C VAL A 375 -5.45 -1.53 11.35
N PHE A 376 -4.61 -1.96 12.28
CA PHE A 376 -3.47 -2.79 11.94
C PHE A 376 -3.74 -4.26 12.30
N ARG A 377 -2.99 -5.16 11.67
CA ARG A 377 -2.98 -6.56 12.05
C ARG A 377 -1.53 -6.98 11.89
N ASN A 378 -0.84 -7.15 13.02
CA ASN A 378 0.60 -7.39 13.04
C ASN A 378 1.36 -6.29 12.29
N GLY A 379 1.03 -5.03 12.57
CA GLY A 379 1.72 -3.89 11.98
C GLY A 379 1.34 -3.57 10.55
N GLU A 380 0.51 -4.42 9.93
CA GLU A 380 0.07 -4.22 8.55
C GLU A 380 -1.32 -3.62 8.51
N ARG A 381 -1.52 -2.65 7.61
CA ARG A 381 -2.79 -1.98 7.46
C ARG A 381 -3.91 -2.88 6.92
N MET A 382 -5.02 -2.92 7.64
CA MET A 382 -6.28 -3.46 7.13
C MET A 382 -6.98 -2.30 6.45
N GLY A 383 -6.82 -2.20 5.14
CA GLY A 383 -7.33 -1.07 4.36
C GLY A 383 -8.25 -1.47 3.22
N THR A 384 -8.47 -0.54 2.30
CA THR A 384 -9.33 -0.83 1.16
C THR A 384 -8.52 -0.94 -0.13
N ILE A 385 -8.86 -1.96 -0.93
CA ILE A 385 -8.17 -2.24 -2.18
C ILE A 385 -9.07 -1.85 -3.35
N LYS A 386 -8.50 -1.14 -4.31
CA LYS A 386 -9.21 -0.66 -5.49
C LYS A 386 -9.03 -1.62 -6.65
N PHE A 387 -10.13 -2.00 -7.29
CA PHE A 387 -10.10 -2.77 -8.53
C PHE A 387 -10.31 -1.83 -9.72
N THR A 388 -9.49 -2.00 -10.76
CA THR A 388 -9.65 -1.28 -12.02
C THR A 388 -9.77 -2.25 -13.20
N GLN A 389 -10.31 -1.76 -14.30
CA GLN A 389 -10.31 -2.52 -15.54
C GLN A 389 -9.93 -1.64 -16.74
N PHE A 390 -9.06 -2.17 -17.59
CA PHE A 390 -8.65 -1.48 -18.80
C PHE A 390 -9.78 -1.53 -19.82
N GLN A 391 -10.32 -0.36 -20.10
CA GLN A 391 -11.39 -0.22 -21.05
C GLN A 391 -10.98 0.79 -22.13
N ASP A 392 -10.82 0.27 -23.35
CA ASP A 392 -10.49 1.07 -24.53
C ASP A 392 -9.07 1.62 -24.54
N SER A 393 -8.80 2.63 -23.72
CA SER A 393 -7.48 3.26 -23.71
C SER A 393 -6.91 3.49 -22.31
N ARG A 394 -7.76 3.41 -21.29
CA ARG A 394 -7.32 3.68 -19.93
C ARG A 394 -8.01 2.80 -18.89
N GLU A 395 -7.43 2.77 -17.70
CA GLU A 395 -7.97 2.01 -16.57
C GLU A 395 -9.14 2.76 -15.95
N VAL A 396 -10.21 2.02 -15.66
CA VAL A 396 -11.42 2.57 -15.07
C VAL A 396 -11.68 1.85 -13.75
N LYS A 397 -12.16 2.59 -12.75
CA LYS A 397 -12.46 1.98 -11.46
C LYS A 397 -13.74 1.13 -11.54
N VAL A 398 -13.64 -0.13 -11.11
CA VAL A 398 -14.76 -1.07 -11.21
C VAL A 398 -15.21 -1.69 -9.88
N GLY A 399 -14.52 -1.35 -8.79
CA GLY A 399 -14.89 -1.88 -7.48
C GLY A 399 -13.85 -1.70 -6.40
N GLU A 400 -14.25 -2.00 -5.16
CA GLU A 400 -13.34 -1.93 -4.03
C GLU A 400 -13.52 -3.08 -3.03
N TYR A 401 -12.42 -3.45 -2.39
CA TYR A 401 -12.41 -4.49 -1.38
C TYR A 401 -12.07 -3.93 0.01
N ASN A 402 -12.94 -4.21 0.98
CA ASN A 402 -12.73 -3.79 2.36
C ASN A 402 -12.08 -4.91 3.14
N ALA A 403 -10.84 -4.69 3.61
CA ALA A 403 -10.09 -5.74 4.32
C ALA A 403 -10.62 -6.04 5.72
N VAL A 404 -11.09 -5.02 6.43
CA VAL A 404 -11.65 -5.20 7.76
C VAL A 404 -12.89 -6.10 7.72
N ALA A 405 -13.82 -5.78 6.83
CA ALA A 405 -15.08 -6.48 6.72
C ALA A 405 -15.04 -7.67 5.76
N ASP A 406 -13.89 -7.86 5.08
CA ASP A 406 -13.75 -8.83 3.98
C ASP A 406 -14.88 -8.69 2.95
N THR A 407 -15.09 -7.45 2.51
CA THR A 407 -16.19 -7.09 1.62
C THR A 407 -15.69 -6.69 0.23
N LEU A 408 -16.32 -7.26 -0.80
CA LEU A 408 -16.09 -6.85 -2.17
C LEU A 408 -17.32 -6.15 -2.71
N GLU A 409 -17.14 -4.93 -3.20
CA GLU A 409 -18.22 -4.17 -3.82
C GLU A 409 -17.86 -3.82 -5.25
N ILE A 410 -18.53 -4.46 -6.20
CA ILE A 410 -18.33 -4.13 -7.60
C ILE A 410 -19.33 -3.05 -8.03
N ILE A 411 -18.82 -1.99 -8.63
CA ILE A 411 -19.66 -0.88 -9.11
C ILE A 411 -20.52 -1.34 -10.28
N ASN A 412 -21.82 -1.08 -10.18
CA ASN A 412 -22.78 -1.39 -11.23
C ASN A 412 -22.42 -0.74 -12.56
N ASP A 413 -22.57 -1.51 -13.64
CA ASP A 413 -22.43 -1.01 -15.02
C ASP A 413 -21.02 -0.51 -15.38
N THR A 414 -19.99 -1.10 -14.78
CA THR A 414 -18.61 -0.75 -15.08
C THR A 414 -17.82 -1.94 -15.60
N ILE A 415 -17.66 -2.97 -14.77
CA ILE A 415 -16.96 -4.19 -15.17
C ILE A 415 -17.68 -4.89 -16.32
N ARG A 416 -16.94 -5.15 -17.40
CA ARG A 416 -17.53 -5.77 -18.58
C ARG A 416 -16.68 -6.92 -19.08
N PHE A 417 -17.32 -7.79 -19.86
CA PHE A 417 -16.68 -8.94 -20.48
C PHE A 417 -17.03 -8.95 -21.96
N GLN A 418 -16.09 -9.39 -22.79
CA GLN A 418 -16.27 -9.37 -24.24
C GLN A 418 -17.35 -10.34 -24.73
N GLY A 419 -17.53 -11.42 -23.98
CA GLY A 419 -18.66 -12.32 -24.20
C GLY A 419 -19.84 -11.79 -23.41
N SER A 420 -21.00 -12.39 -23.61
CA SER A 420 -22.20 -11.96 -22.90
C SER A 420 -22.16 -12.34 -21.40
N GLU A 421 -21.06 -12.98 -21.00
CA GLU A 421 -20.90 -13.52 -19.65
C GLU A 421 -19.41 -13.62 -19.29
N PRO A 422 -19.08 -13.69 -17.99
CA PRO A 422 -17.68 -13.85 -17.55
C PRO A 422 -17.08 -15.16 -18.07
N PRO A 423 -15.77 -15.16 -18.40
CA PRO A 423 -15.16 -16.40 -18.91
C PRO A 423 -15.18 -17.50 -17.85
N LYS A 424 -15.31 -18.76 -18.27
CA LYS A 424 -15.20 -19.89 -17.35
C LYS A 424 -13.73 -20.22 -17.11
N ASP A 425 -13.42 -20.73 -15.92
CA ASP A 425 -12.03 -21.05 -15.58
C ASP A 425 -11.41 -22.20 -16.40
N ASP A 426 -12.17 -22.78 -17.32
CA ASP A 426 -11.66 -23.80 -18.23
C ASP A 426 -12.39 -23.87 -19.58
N TYR A 427 -12.12 -24.93 -20.34
CA TYR A 427 -12.59 -25.09 -21.72
C TYR A 427 -14.09 -25.41 -21.87
N LYS A 428 -14.74 -25.74 -20.76
CA LYS A 428 -16.06 -26.36 -20.79
C LYS A 428 -17.22 -25.46 -21.27
N ASP A 429 -16.90 -24.22 -21.64
CA ASP A 429 -17.92 -23.29 -22.10
C ASP A 429 -17.48 -22.51 -23.32
N ASP A 430 -16.75 -23.17 -24.22
CA ASP A 430 -16.21 -22.51 -25.40
C ASP A 430 -17.24 -22.31 -26.51
N ASP A 431 -18.18 -23.25 -26.64
CA ASP A 431 -19.22 -23.18 -27.67
C ASP A 431 -20.12 -21.95 -27.54
N ASP A 432 -20.03 -21.28 -26.38
CA ASP A 432 -20.79 -20.08 -26.09
C ASP A 432 -20.25 -18.84 -26.77
N LYS A 433 -18.93 -18.69 -26.74
CA LYS A 433 -18.28 -17.48 -27.22
C LYS A 433 -17.59 -17.70 -28.56
#